data_6CNP
#
_entry.id   6CNP
#
_cell.length_a   40.960
_cell.length_b   41.320
_cell.length_c   58.670
_cell.angle_alpha   101.570
_cell.angle_beta   99.460
_cell.angle_gamma   100.540
#
_symmetry.space_group_name_H-M   'P 1'
#
loop_
_entity.id
_entity.type
_entity.pdbx_description
1 polymer 'Methyl-CpG-binding domain protein 2'
2 polymer "DNA (5'-D(*GP*CP*CP*AP*CP*(5CM)P*GP*GP*TP*GP*GP*C)-3')"
3 non-polymer 'CALCIUM ION'
4 non-polymer 'UNKNOWN ATOM OR ION'
5 water water
#
loop_
_entity_poly.entity_id
_entity_poly.type
_entity_poly.pdbx_seq_one_letter_code
_entity_poly.pdbx_strand_id
1 'polypeptide(L)'
;MHHHHHHSSGRENLYFQGATESGKRMDCPALPPGWKKEEVIRKSGLSAGKSDVYYFSPSGKKFRSKPQLARYLGNTVDLS
SFDFRTGKMMPSKLQK
;
A,B
2 'polydeoxyribonucleotide' (DG)(DC)(DC)(DA)(DC)(5CM)(DG)(DG)(DT)(DG)(DG)(DC) C,D,E,F
#
# COMPACT_ATOMS: atom_id res chain seq x y z
N LYS A 24 -11.19 -1.90 -24.42
CA LYS A 24 -12.10 -1.17 -23.53
C LYS A 24 -12.03 -1.69 -22.09
N ARG A 25 -12.04 -0.77 -21.14
CA ARG A 25 -12.02 -1.14 -19.72
C ARG A 25 -13.39 -1.67 -19.29
N MET A 26 -13.43 -2.93 -18.88
CA MET A 26 -14.68 -3.61 -18.55
C MET A 26 -14.72 -3.92 -17.06
N ASP A 27 -15.91 -3.85 -16.49
CA ASP A 27 -16.08 -4.18 -15.09
C ASP A 27 -15.66 -5.63 -14.84
N CYS A 28 -15.12 -5.88 -13.65
CA CYS A 28 -14.58 -7.18 -13.27
C CYS A 28 -15.19 -7.58 -11.93
N PRO A 29 -16.39 -8.15 -11.93
CA PRO A 29 -17.06 -8.46 -10.65
C PRO A 29 -16.29 -9.45 -9.76
N ALA A 30 -15.36 -10.22 -10.31
CA ALA A 30 -14.58 -11.13 -9.47
C ALA A 30 -13.71 -10.38 -8.47
N LEU A 31 -13.40 -9.11 -8.73
CA LEU A 31 -12.57 -8.27 -7.89
C LEU A 31 -13.45 -7.43 -6.98
N PRO A 32 -12.86 -6.74 -5.98
CA PRO A 32 -13.67 -5.82 -5.14
C PRO A 32 -14.35 -4.76 -5.99
N PRO A 33 -15.28 -3.99 -5.43
CA PRO A 33 -15.98 -2.98 -6.24
C PRO A 33 -15.00 -1.97 -6.81
N GLY A 34 -15.28 -1.51 -8.04
CA GLY A 34 -14.51 -0.46 -8.67
C GLY A 34 -13.45 -0.96 -9.64
N TRP A 35 -13.13 -2.24 -9.60
CA TRP A 35 -12.05 -2.75 -10.43
C TRP A 35 -12.51 -2.97 -11.86
N LYS A 36 -11.61 -2.72 -12.80
CA LYS A 36 -11.91 -2.90 -14.21
C LYS A 36 -10.74 -3.62 -14.88
N LYS A 37 -11.04 -4.29 -15.98
CA LYS A 37 -10.09 -5.12 -16.70
C LYS A 37 -10.02 -4.66 -18.15
N GLU A 38 -8.82 -4.65 -18.72
CA GLU A 38 -8.63 -4.31 -20.13
C GLU A 38 -7.68 -5.31 -20.75
N GLU A 39 -8.03 -5.80 -21.94
CA GLU A 39 -7.16 -6.64 -22.76
C GLU A 39 -6.65 -5.81 -23.93
N VAL A 40 -5.33 -5.74 -24.08
CA VAL A 40 -4.71 -4.95 -25.14
C VAL A 40 -3.94 -5.89 -26.05
N ILE A 41 -4.18 -5.77 -27.36
CA ILE A 41 -3.50 -6.56 -28.37
C ILE A 41 -2.25 -5.83 -28.83
N ARG A 42 -1.09 -6.48 -28.71
CA ARG A 42 0.15 -5.87 -29.18
C ARG A 42 0.07 -5.56 -30.67
N LYS A 43 0.63 -4.40 -31.06
CA LYS A 43 0.45 -3.88 -32.42
C LYS A 43 1.68 -3.99 -33.31
N SER A 44 2.87 -4.26 -32.77
CA SER A 44 4.06 -4.36 -33.61
C SER A 44 5.06 -5.29 -32.96
N GLY A 45 6.16 -5.57 -33.67
CA GLY A 45 7.19 -6.43 -33.14
C GLY A 45 6.86 -7.89 -33.36
N LEU A 46 7.78 -8.77 -32.92
CA LEU A 46 7.56 -10.20 -33.14
C LEU A 46 6.39 -10.74 -32.34
N SER A 47 6.01 -10.08 -31.26
CA SER A 47 4.87 -10.50 -30.47
C SER A 47 3.57 -9.84 -30.92
N ALA A 48 3.57 -9.19 -32.08
CA ALA A 48 2.36 -8.50 -32.53
C ALA A 48 1.22 -9.49 -32.65
N GLY A 49 0.08 -9.15 -32.07
CA GLY A 49 -1.06 -10.04 -31.99
C GLY A 49 -1.23 -10.70 -30.65
N LYS A 50 -0.20 -10.70 -29.82
CA LYS A 50 -0.28 -11.18 -28.45
C LYS A 50 -1.10 -10.21 -27.60
N SER A 51 -1.78 -10.76 -26.59
CA SER A 51 -2.63 -9.99 -25.71
C SER A 51 -1.94 -9.81 -24.36
N ASP A 52 -2.07 -8.62 -23.79
CA ASP A 52 -1.71 -8.35 -22.40
C ASP A 52 -2.97 -7.95 -21.65
N VAL A 53 -3.06 -8.35 -20.39
CA VAL A 53 -4.23 -8.08 -19.57
C VAL A 53 -3.80 -7.09 -18.49
N TYR A 54 -4.58 -6.02 -18.31
CA TYR A 54 -4.37 -5.04 -17.26
C TYR A 54 -5.62 -4.88 -16.39
N TYR A 55 -5.40 -4.66 -15.10
CA TYR A 55 -6.47 -4.32 -14.19
C TYR A 55 -6.24 -2.91 -13.65
N PHE A 56 -7.34 -2.20 -13.42
CA PHE A 56 -7.33 -0.83 -12.94
C PHE A 56 -8.06 -0.77 -11.61
N SER A 57 -7.34 -0.32 -10.57
CA SER A 57 -7.93 -0.13 -9.26
C SER A 57 -9.03 0.94 -9.35
N PRO A 58 -9.91 1.01 -8.33
CA PRO A 58 -10.87 2.11 -8.28
C PRO A 58 -10.22 3.48 -8.37
N SER A 59 -9.02 3.63 -7.85
CA SER A 59 -8.30 4.90 -7.90
C SER A 59 -7.58 5.12 -9.24
N GLY A 60 -7.51 4.11 -10.09
CA GLY A 60 -6.97 4.28 -11.42
C GLY A 60 -5.57 3.76 -11.62
N LYS A 61 -4.93 3.22 -10.59
CA LYS A 61 -3.64 2.59 -10.75
C LYS A 61 -3.79 1.36 -11.64
N LYS A 62 -2.70 1.01 -12.33
CA LYS A 62 -2.67 -0.04 -13.34
C LYS A 62 -1.87 -1.22 -12.80
N PHE A 63 -2.36 -2.43 -13.05
CA PHE A 63 -1.69 -3.64 -12.56
C PHE A 63 -1.53 -4.63 -13.69
N ARG A 64 -0.34 -5.26 -13.75
CA ARG A 64 0.07 -6.10 -14.86
C ARG A 64 0.33 -7.54 -14.46
N SER A 65 0.30 -7.87 -13.17
CA SER A 65 0.52 -9.25 -12.77
C SER A 65 -0.30 -9.56 -11.53
N LYS A 66 -0.54 -10.85 -11.33
CA LYS A 66 -1.24 -11.28 -10.12
C LYS A 66 -0.46 -10.98 -8.85
N PRO A 67 0.86 -11.21 -8.78
CA PRO A 67 1.62 -10.76 -7.59
C PRO A 67 1.49 -9.28 -7.30
N GLN A 68 1.64 -8.41 -8.30
CA GLN A 68 1.48 -6.97 -8.09
C GLN A 68 0.07 -6.65 -7.61
N LEU A 69 -0.92 -7.28 -8.23
CA LEU A 69 -2.31 -7.08 -7.86
C LEU A 69 -2.56 -7.52 -6.42
N ALA A 70 -2.08 -8.71 -6.06
CA ALA A 70 -2.29 -9.25 -4.73
C ALA A 70 -1.60 -8.39 -3.67
N ARG A 71 -0.42 -7.84 -3.99
CA ARG A 71 0.27 -7.05 -2.99
C ARG A 71 -0.48 -5.75 -2.73
N TYR A 72 -1.04 -5.15 -3.79
CA TYR A 72 -1.80 -3.91 -3.64
C TYR A 72 -3.06 -4.13 -2.81
N LEU A 73 -3.75 -5.25 -3.03
CA LEU A 73 -5.02 -5.53 -2.35
C LEU A 73 -4.82 -5.99 -0.92
N GLY A 74 -3.74 -6.72 -0.64
CA GLY A 74 -3.45 -7.14 0.70
C GLY A 74 -4.16 -8.42 1.09
N ASN A 75 -3.89 -8.86 2.33
CA ASN A 75 -4.29 -10.19 2.78
C ASN A 75 -5.80 -10.35 2.89
N THR A 76 -6.55 -9.27 3.08
CA THR A 76 -7.98 -9.43 3.29
C THR A 76 -8.72 -9.89 2.05
N VAL A 77 -8.09 -9.86 0.88
CA VAL A 77 -8.71 -10.24 -0.38
C VAL A 77 -8.12 -11.56 -0.85
N ASP A 78 -8.97 -12.57 -1.01
CA ASP A 78 -8.55 -13.91 -1.41
C ASP A 78 -8.51 -14.00 -2.93
N LEU A 79 -7.29 -14.03 -3.50
CA LEU A 79 -7.10 -14.19 -4.94
C LEU A 79 -6.53 -15.56 -5.30
N SER A 80 -6.60 -16.52 -4.38
CA SER A 80 -6.03 -17.85 -4.63
C SER A 80 -6.69 -18.53 -5.82
N SER A 81 -8.01 -18.39 -5.95
CA SER A 81 -8.76 -18.93 -7.08
C SER A 81 -8.81 -17.98 -8.28
N PHE A 82 -8.17 -16.82 -8.21
CA PHE A 82 -8.32 -15.80 -9.23
C PHE A 82 -7.40 -16.05 -10.42
N ASP A 83 -7.99 -16.05 -11.62
CA ASP A 83 -7.26 -16.34 -12.85
C ASP A 83 -7.01 -15.01 -13.57
N PHE A 84 -5.74 -14.61 -13.61
CA PHE A 84 -5.40 -13.25 -14.03
C PHE A 84 -5.75 -13.03 -15.49
N ARG A 85 -5.55 -14.04 -16.33
CA ARG A 85 -5.74 -13.87 -17.76
C ARG A 85 -7.22 -13.73 -18.11
N THR A 86 -8.09 -14.52 -17.47
CA THR A 86 -9.50 -14.44 -17.80
C THR A 86 -10.26 -13.47 -16.93
N GLY A 87 -9.70 -13.10 -15.77
CA GLY A 87 -10.44 -12.24 -14.86
C GLY A 87 -11.60 -12.91 -14.16
N LYS A 88 -11.61 -14.24 -14.08
CA LYS A 88 -12.68 -14.96 -13.39
C LYS A 88 -12.13 -15.71 -12.19
N MET A 89 -12.99 -15.97 -11.21
CA MET A 89 -12.65 -16.94 -10.18
C MET A 89 -12.80 -18.33 -10.79
N MET A 90 -11.71 -19.11 -10.78
CA MET A 90 -11.62 -20.38 -11.50
C MET A 90 -11.34 -21.51 -10.51
N PRO A 91 -12.34 -21.89 -9.69
CA PRO A 91 -12.12 -22.96 -8.71
C PRO A 91 -12.72 -24.29 -9.16
N PRO B 29 18.74 6.51 20.03
CA PRO B 29 17.54 5.67 20.15
C PRO B 29 17.08 5.52 21.60
N ALA B 30 17.78 6.15 22.54
CA ALA B 30 17.42 6.10 23.96
C ALA B 30 16.22 7.02 24.19
N LEU B 31 15.08 6.43 24.53
CA LEU B 31 13.88 7.24 24.64
C LEU B 31 13.80 7.89 26.03
N PRO B 32 13.35 9.14 26.09
CA PRO B 32 13.21 9.81 27.39
C PRO B 32 12.24 9.06 28.29
N PRO B 33 12.35 9.26 29.61
CA PRO B 33 11.50 8.49 30.55
C PRO B 33 10.02 8.61 30.23
N GLY B 34 9.33 7.47 30.24
CA GLY B 34 7.91 7.40 29.99
C GLY B 34 7.50 7.36 28.54
N TRP B 35 8.39 7.64 27.61
CA TRP B 35 8.03 7.69 26.20
C TRP B 35 8.16 6.32 25.54
N LYS B 36 7.36 6.09 24.50
CA LYS B 36 7.30 4.78 23.85
C LYS B 36 7.23 4.96 22.35
N LYS B 37 7.74 3.96 21.63
CA LYS B 37 7.85 3.97 20.18
C LYS B 37 7.14 2.75 19.60
N GLU B 38 6.47 2.95 18.48
CA GLU B 38 5.76 1.89 17.78
C GLU B 38 5.99 2.04 16.28
N GLU B 39 6.25 0.93 15.60
CA GLU B 39 6.48 0.91 14.16
C GLU B 39 5.43 0.01 13.53
N VAL B 40 4.74 0.51 12.50
CA VAL B 40 3.62 -0.19 11.89
C VAL B 40 3.90 -0.38 10.39
N ILE B 41 3.78 -1.63 9.93
CA ILE B 41 4.01 -1.99 8.53
C ILE B 41 2.71 -1.81 7.76
N ARG B 42 2.78 -1.09 6.64
CA ARG B 42 1.60 -0.89 5.81
C ARG B 42 1.17 -2.20 5.15
N LYS B 43 -0.14 -2.39 5.03
CA LYS B 43 -0.73 -3.68 4.68
C LYS B 43 -1.28 -3.76 3.27
N SER B 44 -1.60 -2.64 2.65
CA SER B 44 -2.16 -2.67 1.31
C SER B 44 -1.79 -1.37 0.60
N GLY B 45 -2.15 -1.28 -0.67
CA GLY B 45 -1.80 -0.12 -1.45
C GLY B 45 -0.42 -0.26 -2.07
N LEU B 46 -0.07 0.76 -2.85
CA LEU B 46 1.22 0.79 -3.51
C LEU B 46 2.38 0.90 -2.52
N SER B 47 2.13 1.42 -1.32
CA SER B 47 3.16 1.52 -0.30
C SER B 47 3.14 0.35 0.67
N ALA B 48 2.46 -0.74 0.32
CA ALA B 48 2.40 -1.91 1.18
C ALA B 48 3.81 -2.37 1.54
N GLY B 49 4.03 -2.63 2.83
CA GLY B 49 5.32 -3.11 3.27
C GLY B 49 6.29 -2.03 3.70
N LYS B 50 6.00 -0.77 3.42
CA LYS B 50 6.70 0.34 4.05
C LYS B 50 6.13 0.57 5.45
N SER B 51 6.87 1.31 6.25
CA SER B 51 6.59 1.41 7.68
C SER B 51 6.38 2.86 8.08
N ASP B 52 5.62 3.04 9.16
CA ASP B 52 5.44 4.32 9.82
C ASP B 52 5.82 4.19 11.30
N VAL B 53 6.51 5.20 11.82
CA VAL B 53 6.95 5.22 13.21
C VAL B 53 6.05 6.20 13.96
N TYR B 54 5.58 5.78 15.14
CA TYR B 54 4.83 6.65 16.03
C TYR B 54 5.52 6.71 17.39
N TYR B 55 5.35 7.84 18.08
CA TYR B 55 5.77 7.96 19.46
C TYR B 55 4.58 8.32 20.34
N PHE B 56 4.62 7.82 21.57
CA PHE B 56 3.57 8.09 22.55
C PHE B 56 4.20 8.78 23.76
N SER B 57 3.57 9.85 24.21
CA SER B 57 4.06 10.53 25.40
C SER B 57 3.67 9.70 26.62
N PRO B 58 4.28 9.97 27.79
CA PRO B 58 3.86 9.25 28.99
C PRO B 58 2.38 9.36 29.28
N SER B 59 1.72 10.41 28.78
CA SER B 59 0.29 10.59 28.91
C SER B 59 -0.49 10.01 27.73
N GLY B 60 0.17 9.24 26.86
CA GLY B 60 -0.50 8.48 25.83
C GLY B 60 -0.82 9.23 24.56
N LYS B 61 -0.37 10.48 24.42
CA LYS B 61 -0.60 11.21 23.19
C LYS B 61 0.32 10.69 22.10
N LYS B 62 -0.24 10.50 20.91
CA LYS B 62 0.41 9.84 19.78
C LYS B 62 0.98 10.89 18.83
N PHE B 63 2.26 10.76 18.49
CA PHE B 63 2.92 11.69 17.59
C PHE B 63 3.40 10.99 16.33
N ARG B 64 3.27 11.66 15.18
CA ARG B 64 3.65 11.08 13.89
C ARG B 64 4.85 11.72 13.24
N SER B 65 5.31 12.88 13.71
CA SER B 65 6.45 13.53 13.06
C SER B 65 7.22 14.32 14.11
N LYS B 66 8.46 14.67 13.76
CA LYS B 66 9.33 15.48 14.60
C LYS B 66 8.79 16.91 14.70
N PRO B 67 8.31 17.52 13.60
CA PRO B 67 7.65 18.83 13.78
C PRO B 67 6.44 18.79 14.69
N GLN B 68 5.66 17.70 14.67
CA GLN B 68 4.49 17.63 15.54
C GLN B 68 4.91 17.61 17.01
N LEU B 69 5.98 16.88 17.33
CA LEU B 69 6.54 16.95 18.67
C LEU B 69 6.96 18.37 19.02
N ALA B 70 7.67 19.05 18.11
CA ALA B 70 8.18 20.38 18.42
C ALA B 70 7.04 21.36 18.68
N ARG B 71 5.96 21.28 17.90
CA ARG B 71 4.83 22.17 18.13
C ARG B 71 4.16 21.90 19.46
N TYR B 72 4.28 20.69 20.00
CA TYR B 72 3.66 20.33 21.28
C TYR B 72 4.61 20.46 22.46
N LEU B 73 5.85 19.99 22.34
CA LEU B 73 6.75 20.10 23.49
C LEU B 73 7.42 21.47 23.58
N GLY B 74 7.51 22.21 22.47
CA GLY B 74 8.09 23.53 22.45
C GLY B 74 9.57 23.53 22.09
N ASN B 75 10.08 24.73 21.82
CA ASN B 75 11.44 24.91 21.31
C ASN B 75 12.46 25.04 22.44
N THR B 76 12.39 24.13 23.42
CA THR B 76 13.34 24.12 24.53
C THR B 76 13.66 22.70 24.97
N VAL B 77 13.57 21.75 24.05
CA VAL B 77 13.76 20.34 24.38
C VAL B 77 14.42 19.66 23.19
N ASP B 78 15.37 18.77 23.49
CA ASP B 78 16.15 18.09 22.46
C ASP B 78 15.32 16.97 21.83
N LEU B 79 15.22 16.97 20.50
CA LEU B 79 14.44 15.97 19.77
C LEU B 79 15.32 14.95 19.05
N SER B 80 16.56 14.76 19.51
CA SER B 80 17.44 13.80 18.85
C SER B 80 17.03 12.37 19.15
N SER B 81 16.46 12.13 20.34
CA SER B 81 16.00 10.79 20.69
C SER B 81 14.89 10.32 19.76
N PHE B 82 14.08 11.25 19.27
CA PHE B 82 12.87 10.92 18.51
C PHE B 82 13.26 10.75 17.04
N ASP B 83 13.47 9.50 16.64
CA ASP B 83 13.93 9.18 15.29
C ASP B 83 12.76 8.52 14.54
N PHE B 84 12.15 9.28 13.64
CA PHE B 84 11.04 8.79 12.82
C PHE B 84 11.50 8.10 11.54
N ARG B 85 12.76 7.70 11.44
CA ARG B 85 13.25 7.08 10.21
C ARG B 85 12.73 5.65 10.07
N THR B 86 12.24 5.33 8.86
CA THR B 86 11.64 4.02 8.57
C THR B 86 12.43 3.30 7.48
#